data_4UWT
#
_entry.id   4UWT
#
_cell.length_a   83.301
_cell.length_b   81.783
_cell.length_c   110.526
_cell.angle_alpha   90.00
_cell.angle_beta   90.00
_cell.angle_gamma   90.00
#
_symmetry.space_group_name_H-M   'I 2 2 2'
#
loop_
_entity.id
_entity.type
_entity.pdbx_description
1 polymer 'CELLOBIOHYDROLASE CEL7A'
2 branched beta-D-glucopyranose-(1-4)-beta-D-glucopyranose
3 non-polymer 2-acetamido-2-deoxy-beta-D-glucopyranose
4 non-polymer 'COBALT (II) ION'
5 non-polymer GLYCEROL
6 non-polymer P-NITROPHENOL
7 non-polymer DI(HYDROXYETHYL)ETHER
8 water water
#
_entity_poly.entity_id   1
_entity_poly.type   'polypeptide(L)'
_entity_poly.pdbx_seq_one_letter_code
;(PCA)SACTLQSETHPPLTWQKCSSGGTCTQQTGSVVIDANWRWTHATNSSTNCYDGNTWSSTLCPDNETCAKNCCLDGA
AYASTYGVTTSGNSLSIDFVTQSAQKNVGARLYLMASDTTYQEFTLLGNEFSFDVDVSQLPCGLNGALYFVSMDADGGVS
KYPTNTAGAKYGTGYCDSQCPRDLKFINGQANVEGWEPSSNNANTGIGGHGSCCSQMDIWEANSISEALTPHPCTTVGQE
ICEGDGCGGTYSDNRYGGTCDPDGCDWNPYRLGNTSFYGPGSSFTLDTTKKLTVVTQFETSGAINRYYVQNGVTFQQPNA
ELGSYSGNELNDDYCTAEEAEFGGSSFSDKGGLTQFKKATSGGMVLVMSLWDDYYANMLWLDSTYPTNETSSTPGAVRGS
CSTSSGVPAQVESQSPNAKVTFSNIKFGPIGSTGNPSG
;
_entity_poly.pdbx_strand_id   A
#
# COMPACT_ATOMS: atom_id res chain seq x y z
N SER A 2 -23.11 -5.41 5.20
CA SER A 2 -23.79 -5.58 3.92
C SER A 2 -23.51 -4.38 3.02
N ALA A 3 -24.05 -4.41 1.82
CA ALA A 3 -23.96 -3.31 0.86
C ALA A 3 -25.32 -2.66 0.70
N CYS A 4 -25.31 -1.33 0.62
CA CYS A 4 -26.51 -0.56 0.32
C CYS A 4 -26.29 0.16 -1.01
N THR A 5 -27.36 0.74 -1.55
CA THR A 5 -27.33 1.33 -2.89
C THR A 5 -27.97 2.71 -2.96
N LEU A 6 -27.86 3.49 -1.89
CA LEU A 6 -28.27 4.89 -1.96
C LEU A 6 -27.37 5.66 -2.93
N GLN A 7 -26.13 5.18 -3.09
CA GLN A 7 -25.16 5.75 -4.02
C GLN A 7 -24.68 4.62 -4.92
N SER A 8 -24.72 4.81 -6.23
CA SER A 8 -24.32 3.75 -7.15
C SER A 8 -22.80 3.52 -7.07
N GLU A 9 -22.40 2.29 -7.36
CA GLU A 9 -21.00 1.88 -7.36
C GLU A 9 -20.61 1.48 -8.78
N THR A 10 -19.85 2.33 -9.45
CA THR A 10 -19.34 2.07 -10.79
C THR A 10 -17.83 2.14 -10.71
N HIS A 11 -17.17 0.99 -10.83
CA HIS A 11 -15.71 0.94 -10.69
C HIS A 11 -15.05 1.57 -11.92
N PRO A 12 -14.17 2.55 -11.73
CA PRO A 12 -13.49 3.10 -12.92
C PRO A 12 -12.71 1.99 -13.65
N PRO A 13 -12.89 1.88 -14.98
N PRO A 13 -12.92 1.85 -14.97
CA PRO A 13 -12.16 0.85 -15.72
CA PRO A 13 -12.18 0.81 -15.70
C PRO A 13 -10.66 1.10 -15.74
C PRO A 13 -10.68 1.10 -15.81
N LEU A 14 -9.89 0.04 -15.86
CA LEU A 14 -8.43 0.16 -15.99
C LEU A 14 -7.94 -1.05 -16.77
N THR A 15 -7.19 -0.81 -17.84
CA THR A 15 -6.60 -1.91 -18.58
C THR A 15 -5.16 -2.11 -18.15
N TRP A 16 -4.67 -3.32 -18.42
CA TRP A 16 -3.29 -3.68 -18.14
C TRP A 16 -2.90 -4.77 -19.13
N GLN A 17 -1.60 -5.04 -19.23
CA GLN A 17 -1.10 -6.01 -20.21
C GLN A 17 -0.61 -7.27 -19.53
N LYS A 18 -1.04 -8.41 -20.05
N LYS A 18 -1.04 -8.41 -20.05
CA LYS A 18 -0.51 -9.72 -19.68
CA LYS A 18 -0.48 -9.70 -19.65
C LYS A 18 0.44 -10.14 -20.78
C LYS A 18 0.45 -10.14 -20.77
N CYS A 19 1.73 -10.30 -20.44
CA CYS A 19 2.73 -10.63 -21.43
C CYS A 19 3.13 -12.10 -21.33
N SER A 20 3.59 -12.62 -22.47
N SER A 20 3.55 -12.66 -22.46
CA SER A 20 3.90 -14.02 -22.67
CA SER A 20 3.91 -14.07 -22.53
C SER A 20 5.41 -14.22 -22.84
C SER A 20 5.39 -14.24 -22.82
N SER A 21 5.92 -15.38 -22.43
CA SER A 21 7.33 -15.72 -22.67
C SER A 21 7.67 -15.69 -24.17
N GLY A 22 6.68 -15.97 -25.02
CA GLY A 22 6.87 -15.97 -26.47
C GLY A 22 6.97 -14.61 -27.12
N GLY A 23 6.85 -13.53 -26.35
CA GLY A 23 7.22 -12.21 -26.83
C GLY A 23 6.08 -11.27 -27.15
N THR A 24 4.85 -11.73 -26.99
CA THR A 24 3.68 -10.88 -27.20
C THR A 24 3.03 -10.51 -25.88
N CYS A 25 2.20 -9.49 -25.93
CA CYS A 25 1.40 -9.06 -24.79
C CYS A 25 -0.06 -8.93 -25.24
N THR A 26 -0.98 -9.13 -24.31
N THR A 26 -0.99 -9.17 -24.34
CA THR A 26 -2.42 -9.12 -24.58
CA THR A 26 -2.40 -9.01 -24.66
C THR A 26 -3.10 -8.20 -23.55
C THR A 26 -3.09 -8.19 -23.58
N GLN A 27 -3.92 -7.26 -24.03
CA GLN A 27 -4.61 -6.35 -23.14
C GLN A 27 -5.69 -7.06 -22.33
N GLN A 28 -5.73 -6.72 -21.05
CA GLN A 28 -6.72 -7.20 -20.08
C GLN A 28 -7.54 -6.00 -19.65
N THR A 29 -8.81 -6.21 -19.38
CA THR A 29 -9.65 -5.13 -18.90
C THR A 29 -10.14 -5.43 -17.48
N GLY A 30 -9.74 -4.58 -16.54
CA GLY A 30 -10.20 -4.65 -15.17
C GLY A 30 -10.82 -3.33 -14.77
N SER A 31 -10.77 -3.06 -13.47
CA SER A 31 -11.30 -1.82 -12.91
C SER A 31 -10.68 -1.63 -11.55
N VAL A 32 -10.91 -0.49 -10.93
CA VAL A 32 -10.44 -0.26 -9.57
C VAL A 32 -11.61 0.00 -8.64
N VAL A 33 -11.42 -0.41 -7.39
CA VAL A 33 -12.40 -0.23 -6.33
C VAL A 33 -11.76 0.37 -5.10
N ILE A 34 -12.46 1.32 -4.47
CA ILE A 34 -11.94 1.96 -3.28
C ILE A 34 -12.23 1.11 -2.04
N ASP A 35 -11.25 1.10 -1.15
CA ASP A 35 -11.32 0.41 0.12
C ASP A 35 -12.52 0.88 0.95
N ALA A 36 -13.12 -0.08 1.64
CA ALA A 36 -14.32 0.14 2.46
C ALA A 36 -14.19 1.27 3.48
N ASN A 37 -12.99 1.50 4.01
CA ASN A 37 -12.81 2.55 5.02
C ASN A 37 -13.14 3.95 4.52
N TRP A 38 -13.03 4.19 3.22
CA TRP A 38 -13.32 5.50 2.66
C TRP A 38 -14.80 5.75 2.46
N ARG A 39 -15.62 4.70 2.56
CA ARG A 39 -17.03 4.77 2.19
C ARG A 39 -17.89 5.31 3.32
N TRP A 40 -19.08 5.72 2.94
CA TRP A 40 -20.16 6.00 3.87
C TRP A 40 -20.68 4.69 4.42
N THR A 41 -20.68 4.57 5.75
CA THR A 41 -21.22 3.41 6.44
C THR A 41 -22.49 3.88 7.18
N HIS A 42 -23.64 3.31 6.83
CA HIS A 42 -24.91 3.74 7.41
C HIS A 42 -25.82 2.57 7.73
N ALA A 43 -26.89 2.88 8.46
CA ALA A 43 -27.88 1.87 8.81
C ALA A 43 -28.48 1.24 7.56
N THR A 44 -28.77 -0.05 7.62
CA THR A 44 -29.32 -0.72 6.44
C THR A 44 -30.68 -0.17 5.98
N ASN A 45 -31.46 0.36 6.92
N ASN A 45 -31.52 0.33 6.87
CA ASN A 45 -32.83 0.82 6.65
CA ASN A 45 -32.82 0.85 6.44
C ASN A 45 -33.04 2.33 6.61
C ASN A 45 -33.03 2.33 6.77
N SER A 46 -31.96 3.11 6.73
CA SER A 46 -32.06 4.57 6.76
C SER A 46 -30.74 5.18 6.29
N SER A 47 -30.65 6.51 6.35
N SER A 47 -30.65 6.51 6.33
CA SER A 47 -29.43 7.22 5.99
CA SER A 47 -29.40 7.19 5.98
C SER A 47 -28.61 7.61 7.23
C SER A 47 -28.61 7.63 7.23
N THR A 48 -28.97 7.09 8.39
CA THR A 48 -28.28 7.40 9.63
C THR A 48 -26.89 6.75 9.61
N ASN A 49 -25.84 7.55 9.82
N ASN A 49 -25.85 7.54 9.83
CA ASN A 49 -24.47 7.03 9.84
CA ASN A 49 -24.48 7.03 9.85
C ASN A 49 -24.25 6.02 10.97
C ASN A 49 -24.26 6.02 10.97
N CYS A 50 -23.51 4.97 10.67
CA CYS A 50 -22.98 4.08 11.71
C CYS A 50 -21.66 4.61 12.25
N TYR A 51 -20.95 5.38 11.43
CA TYR A 51 -19.68 5.98 11.77
C TYR A 51 -19.68 7.37 11.20
N ASP A 52 -19.17 8.32 11.97
CA ASP A 52 -19.09 9.70 11.49
C ASP A 52 -17.96 10.40 12.23
N GLY A 53 -17.20 11.21 11.51
CA GLY A 53 -16.01 11.82 12.08
C GLY A 53 -15.06 10.69 12.45
N ASN A 54 -14.78 10.54 13.73
CA ASN A 54 -13.96 9.41 14.17
C ASN A 54 -14.59 8.60 15.29
N THR A 55 -15.92 8.62 15.31
CA THR A 55 -16.74 8.01 16.36
C THR A 55 -17.77 7.08 15.71
N TRP A 56 -18.04 5.96 16.35
CA TRP A 56 -19.14 5.07 15.96
C TRP A 56 -20.44 5.46 16.67
N SER A 57 -21.57 5.21 15.99
CA SER A 57 -22.88 5.28 16.63
C SER A 57 -22.96 4.27 17.76
N SER A 58 -23.13 4.75 19.00
CA SER A 58 -23.19 3.84 20.14
C SER A 58 -24.47 3.02 20.18
N THR A 59 -25.52 3.47 19.49
CA THR A 59 -26.76 2.71 19.44
C THR A 59 -26.78 1.70 18.30
N LEU A 60 -26.37 2.10 17.09
CA LEU A 60 -26.29 1.14 15.99
C LEU A 60 -25.16 0.14 16.17
N CYS A 61 -24.09 0.56 16.84
CA CYS A 61 -22.87 -0.23 16.96
C CYS A 61 -22.41 -0.40 18.41
N PRO A 62 -23.24 -1.09 19.23
CA PRO A 62 -22.87 -1.33 20.63
C PRO A 62 -21.81 -2.41 20.79
N ASP A 63 -21.65 -3.25 19.77
CA ASP A 63 -20.62 -4.29 19.76
C ASP A 63 -20.35 -4.62 18.28
N ASN A 64 -19.29 -5.40 18.05
CA ASN A 64 -18.83 -5.65 16.68
C ASN A 64 -19.84 -6.40 15.81
N GLU A 65 -20.55 -7.36 16.40
CA GLU A 65 -21.49 -8.17 15.63
CA GLU A 65 -21.51 -8.19 15.67
C GLU A 65 -22.79 -7.42 15.35
N THR A 66 -23.34 -6.76 16.34
CA THR A 66 -24.57 -5.99 16.16
C THR A 66 -24.34 -4.89 15.12
N CYS A 67 -23.18 -4.24 15.20
CA CYS A 67 -22.82 -3.18 14.26
C CYS A 67 -22.83 -3.71 12.82
N ALA A 68 -22.15 -4.84 12.58
CA ALA A 68 -22.12 -5.42 11.24
C ALA A 68 -23.51 -5.81 10.74
N LYS A 69 -24.37 -6.27 11.65
CA LYS A 69 -25.75 -6.60 11.29
C LYS A 69 -26.55 -5.35 10.91
N ASN A 70 -26.33 -4.26 11.63
CA ASN A 70 -27.11 -3.05 11.45
C ASN A 70 -26.64 -2.16 10.33
N CYS A 71 -25.42 -2.38 9.84
CA CYS A 71 -24.75 -1.40 8.98
C CYS A 71 -24.33 -1.92 7.62
N CYS A 72 -24.28 -1.00 6.67
CA CYS A 72 -23.87 -1.32 5.32
C CYS A 72 -22.91 -0.27 4.79
N LEU A 73 -22.13 -0.70 3.80
CA LEU A 73 -21.28 0.18 3.03
C LEU A 73 -22.03 0.63 1.78
N ASP A 74 -21.86 1.88 1.38
CA ASP A 74 -22.53 2.37 0.18
C ASP A 74 -21.53 2.70 -0.95
N GLY A 75 -22.07 3.10 -2.09
CA GLY A 75 -21.27 3.36 -3.26
C GLY A 75 -20.44 4.63 -3.16
N ALA A 76 -19.47 4.75 -4.06
CA ALA A 76 -18.50 5.84 -4.07
C ALA A 76 -18.59 6.63 -5.36
N ALA A 77 -18.61 7.95 -5.26
CA ALA A 77 -18.45 8.82 -6.42
C ALA A 77 -16.95 9.06 -6.60
N TYR A 78 -16.34 8.24 -7.46
CA TYR A 78 -14.89 8.15 -7.52
C TYR A 78 -14.22 9.49 -7.82
N ALA A 79 -14.69 10.19 -8.85
CA ALA A 79 -14.07 11.46 -9.23
C ALA A 79 -14.45 12.59 -8.25
N SER A 80 -15.74 12.79 -8.03
CA SER A 80 -16.18 13.98 -7.31
C SER A 80 -15.93 13.93 -5.80
N THR A 81 -16.05 12.76 -5.20
CA THR A 81 -15.74 12.64 -3.78
C THR A 81 -14.27 12.29 -3.52
N TYR A 82 -13.71 11.38 -4.31
CA TYR A 82 -12.41 10.78 -3.96
C TYR A 82 -11.25 11.21 -4.84
N GLY A 83 -11.50 11.99 -5.88
CA GLY A 83 -10.41 12.41 -6.77
C GLY A 83 -9.70 11.28 -7.48
N VAL A 84 -10.43 10.21 -7.78
CA VAL A 84 -9.90 9.03 -8.46
C VAL A 84 -10.49 8.99 -9.85
N THR A 85 -9.61 8.98 -10.85
CA THR A 85 -10.04 8.86 -12.25
C THR A 85 -9.15 7.88 -12.97
N THR A 86 -9.68 7.30 -14.05
CA THR A 86 -8.90 6.47 -14.92
C THR A 86 -9.10 6.86 -16.37
N SER A 87 -8.12 6.51 -17.20
CA SER A 87 -8.23 6.68 -18.63
C SER A 87 -7.38 5.61 -19.30
N GLY A 88 -8.04 4.61 -19.86
CA GLY A 88 -7.33 3.53 -20.52
C GLY A 88 -6.48 2.74 -19.54
N ASN A 89 -5.16 2.83 -19.68
CA ASN A 89 -4.21 2.14 -18.80
C ASN A 89 -3.71 3.02 -17.63
N SER A 90 -4.29 4.21 -17.46
CA SER A 90 -3.80 5.15 -16.47
C SER A 90 -4.80 5.40 -15.35
N LEU A 91 -4.26 5.49 -14.13
CA LEU A 91 -5.00 5.79 -12.90
C LEU A 91 -4.37 7.01 -12.23
N SER A 92 -5.20 8.00 -11.92
CA SER A 92 -4.75 9.17 -11.18
C SER A 92 -5.49 9.27 -9.85
N ILE A 93 -4.75 9.57 -8.79
CA ILE A 93 -5.31 9.79 -7.46
C ILE A 93 -4.89 11.18 -7.00
N ASP A 94 -5.87 12.04 -6.74
CA ASP A 94 -5.62 13.37 -6.17
C ASP A 94 -5.46 13.27 -4.65
N PHE A 95 -4.70 14.21 -4.10
CA PHE A 95 -4.42 14.20 -2.67
C PHE A 95 -5.61 14.68 -1.83
N VAL A 96 -6.04 15.93 -2.01
CA VAL A 96 -7.20 16.43 -1.27
C VAL A 96 -8.31 16.75 -2.26
N THR A 97 -9.51 16.20 -1.99
CA THR A 97 -10.69 16.48 -2.80
C THR A 97 -11.78 17.05 -1.90
N GLN A 98 -12.26 18.23 -2.28
CA GLN A 98 -13.33 18.92 -1.57
C GLN A 98 -14.66 18.72 -2.31
N SER A 99 -15.60 18.10 -1.64
CA SER A 99 -16.97 17.99 -2.13
C SER A 99 -17.83 18.54 -0.99
N ALA A 100 -18.91 17.88 -0.61
CA ALA A 100 -19.63 18.26 0.62
C ALA A 100 -18.71 18.14 1.82
N GLN A 101 -17.76 17.21 1.76
CA GLN A 101 -16.73 17.07 2.79
C GLN A 101 -15.33 17.02 2.15
N LYS A 102 -14.32 17.07 3.01
CA LYS A 102 -12.92 16.93 2.59
C LYS A 102 -12.52 15.45 2.61
N ASN A 103 -11.93 15.00 1.52
CA ASN A 103 -11.34 13.67 1.43
C ASN A 103 -9.85 13.77 1.23
N VAL A 104 -9.10 12.88 1.89
CA VAL A 104 -7.66 12.78 1.69
C VAL A 104 -7.29 11.40 1.13
N GLY A 105 -6.78 11.41 -0.09
CA GLY A 105 -6.23 10.21 -0.70
C GLY A 105 -7.22 9.11 -0.95
N ALA A 106 -6.68 7.92 -1.17
CA ALA A 106 -7.48 6.74 -1.47
C ALA A 106 -6.58 5.52 -1.42
N ARG A 107 -7.20 4.37 -1.18
CA ARG A 107 -6.56 3.06 -1.36
C ARG A 107 -7.47 2.26 -2.27
N LEU A 108 -6.90 1.76 -3.37
CA LEU A 108 -7.66 1.13 -4.45
C LEU A 108 -7.11 -0.25 -4.76
N TYR A 109 -7.99 -1.16 -5.15
CA TYR A 109 -7.60 -2.52 -5.56
C TYR A 109 -7.98 -2.76 -7.01
N LEU A 110 -7.13 -3.50 -7.72
CA LEU A 110 -7.45 -3.89 -9.08
C LEU A 110 -8.40 -5.09 -9.08
N MET A 111 -9.50 -4.95 -9.80
N MET A 111 -9.50 -4.94 -9.81
CA MET A 111 -10.53 -5.98 -9.89
CA MET A 111 -10.55 -5.95 -9.92
C MET A 111 -10.41 -6.81 -11.16
C MET A 111 -10.33 -6.84 -11.14
N ALA A 112 -10.87 -8.06 -11.04
CA ALA A 112 -10.99 -8.99 -12.18
C ALA A 112 -12.40 -8.94 -12.78
N SER A 113 -13.39 -8.78 -11.93
CA SER A 113 -14.79 -8.62 -12.34
C SER A 113 -15.31 -7.59 -11.39
N ASP A 114 -16.55 -7.14 -11.55
N ASP A 114 -16.57 -7.22 -11.57
CA ASP A 114 -17.08 -6.12 -10.65
CA ASP A 114 -17.18 -6.23 -10.75
C ASP A 114 -17.31 -6.63 -9.23
C ASP A 114 -17.32 -6.64 -9.28
N THR A 115 -17.10 -7.92 -8.99
CA THR A 115 -17.28 -8.47 -7.66
C THR A 115 -16.08 -9.25 -7.12
N THR A 116 -14.94 -9.23 -7.82
CA THR A 116 -13.79 -10.03 -7.39
C THR A 116 -12.49 -9.28 -7.67
N TYR A 117 -11.49 -9.47 -6.82
CA TYR A 117 -10.16 -8.90 -7.04
C TYR A 117 -9.35 -9.73 -8.02
N GLN A 118 -8.49 -9.06 -8.78
CA GLN A 118 -7.51 -9.73 -9.61
C GLN A 118 -6.39 -10.28 -8.71
N GLU A 119 -5.96 -11.51 -8.95
CA GLU A 119 -4.82 -12.03 -8.21
CA GLU A 119 -4.82 -12.08 -8.24
C GLU A 119 -3.64 -12.18 -9.17
N PHE A 120 -2.45 -11.99 -8.61
CA PHE A 120 -1.19 -12.14 -9.34
C PHE A 120 -0.28 -13.08 -8.54
N THR A 121 0.33 -14.04 -9.22
CA THR A 121 1.37 -14.88 -8.62
C THR A 121 2.70 -14.27 -9.04
N LEU A 122 3.41 -13.66 -8.09
CA LEU A 122 4.60 -12.91 -8.43
C LEU A 122 5.81 -13.79 -8.74
N LEU A 123 5.94 -14.92 -8.05
CA LEU A 123 7.15 -15.74 -8.17
C LEU A 123 7.33 -16.24 -9.60
N GLY A 124 8.53 -16.01 -10.15
CA GLY A 124 8.83 -16.35 -11.53
C GLY A 124 8.46 -15.28 -12.54
N ASN A 125 7.77 -14.25 -12.07
CA ASN A 125 7.22 -13.23 -12.95
C ASN A 125 7.82 -11.87 -12.64
N GLU A 126 7.45 -10.90 -13.48
CA GLU A 126 7.84 -9.53 -13.28
C GLU A 126 6.65 -8.62 -13.48
N PHE A 127 6.73 -7.48 -12.81
CA PHE A 127 5.68 -6.48 -12.83
C PHE A 127 6.31 -5.16 -13.23
N SER A 128 5.74 -4.52 -14.26
CA SER A 128 6.20 -3.24 -14.76
C SER A 128 5.08 -2.22 -14.66
N PHE A 129 5.43 -0.98 -14.32
CA PHE A 129 4.47 0.11 -14.41
C PHE A 129 5.22 1.40 -14.66
N ASP A 130 4.48 2.40 -15.14
CA ASP A 130 4.98 3.75 -15.29
C ASP A 130 4.36 4.58 -14.18
N VAL A 131 5.12 5.57 -13.72
CA VAL A 131 4.62 6.45 -12.67
C VAL A 131 5.11 7.87 -12.91
N ASP A 132 4.24 8.81 -12.57
CA ASP A 132 4.57 10.23 -12.52
C ASP A 132 4.42 10.64 -11.06
N VAL A 133 5.57 10.88 -10.43
CA VAL A 133 5.63 11.35 -9.05
C VAL A 133 5.93 12.84 -8.94
N SER A 134 5.90 13.56 -10.05
CA SER A 134 6.33 14.94 -10.07
C SER A 134 5.54 15.83 -9.13
N GLN A 135 4.28 15.47 -8.87
CA GLN A 135 3.40 16.27 -8.03
CA GLN A 135 3.41 16.28 -8.02
C GLN A 135 3.25 15.68 -6.63
N LEU A 136 4.28 14.94 -6.19
CA LEU A 136 4.34 14.39 -4.84
C LEU A 136 5.50 15.03 -4.07
N PRO A 137 5.20 16.02 -3.21
CA PRO A 137 6.24 16.63 -2.40
C PRO A 137 6.59 15.79 -1.18
N CYS A 138 7.55 16.29 -0.41
CA CYS A 138 7.88 15.72 0.90
C CYS A 138 6.60 15.45 1.69
N GLY A 139 6.56 14.28 2.34
CA GLY A 139 5.45 13.95 3.23
C GLY A 139 4.35 13.12 2.61
N LEU A 140 4.39 12.93 1.30
CA LEU A 140 3.37 12.14 0.59
C LEU A 140 3.96 10.81 0.14
N ASN A 141 3.08 9.82 -0.06
CA ASN A 141 3.49 8.49 -0.52
C ASN A 141 2.46 8.00 -1.52
N GLY A 142 2.87 7.91 -2.79
CA GLY A 142 2.09 7.21 -3.81
C GLY A 142 2.61 5.79 -3.82
N ALA A 143 1.78 4.84 -3.41
CA ALA A 143 2.24 3.48 -3.21
C ALA A 143 1.57 2.51 -4.19
N LEU A 144 2.36 1.57 -4.68
CA LEU A 144 1.87 0.47 -5.50
C LEU A 144 2.45 -0.78 -4.85
N TYR A 145 1.59 -1.73 -4.53
CA TYR A 145 2.03 -2.87 -3.74
C TYR A 145 1.07 -4.03 -3.83
N PHE A 146 1.47 -5.17 -3.29
CA PHE A 146 0.66 -6.37 -3.28
C PHE A 146 0.46 -6.85 -1.86
N VAL A 147 -0.72 -7.42 -1.61
CA VAL A 147 -1.02 -8.02 -0.30
C VAL A 147 -1.76 -9.34 -0.50
N SER A 148 -1.57 -10.25 0.45
CA SER A 148 -2.18 -11.57 0.38
C SER A 148 -3.65 -11.56 0.87
N MET A 149 -4.50 -10.80 0.15
CA MET A 149 -5.95 -10.72 0.39
C MET A 149 -6.69 -11.84 -0.34
N ASP A 150 -7.88 -12.19 0.17
CA ASP A 150 -8.81 -13.10 -0.51
C ASP A 150 -9.43 -12.43 -1.74
N ALA A 151 -9.63 -13.19 -2.81
CA ALA A 151 -10.17 -12.65 -4.06
C ALA A 151 -11.59 -12.11 -3.92
N ASP A 152 -12.35 -12.66 -2.97
CA ASP A 152 -13.73 -12.23 -2.74
C ASP A 152 -13.86 -11.18 -1.64
N GLY A 153 -12.73 -10.71 -1.11
CA GLY A 153 -12.77 -9.73 -0.02
C GLY A 153 -13.23 -10.28 1.32
N GLY A 154 -13.22 -11.60 1.46
CA GLY A 154 -13.52 -12.26 2.73
C GLY A 154 -14.89 -12.90 2.84
N VAL A 155 -15.73 -12.77 1.82
CA VAL A 155 -17.13 -13.22 1.92
C VAL A 155 -17.27 -14.71 2.21
N SER A 156 -16.48 -15.55 1.55
CA SER A 156 -16.64 -17.00 1.73
C SER A 156 -16.29 -17.44 3.14
N LYS A 157 -15.35 -16.75 3.77
CA LYS A 157 -14.95 -17.10 5.13
C LYS A 157 -15.81 -16.49 6.21
N TYR A 158 -16.37 -15.30 5.93
N TYR A 158 -16.38 -15.31 5.93
CA TYR A 158 -17.14 -14.55 6.92
CA TYR A 158 -17.14 -14.53 6.91
C TYR A 158 -18.44 -14.08 6.29
C TYR A 158 -18.45 -14.07 6.30
N PRO A 159 -19.47 -14.94 6.34
CA PRO A 159 -20.70 -14.64 5.62
CA PRO A 159 -20.73 -14.66 5.66
C PRO A 159 -21.50 -13.42 6.13
N THR A 160 -21.15 -12.86 7.28
CA THR A 160 -21.73 -11.58 7.71
C THR A 160 -21.13 -10.38 6.95
N ASN A 161 -20.10 -10.64 6.14
CA ASN A 161 -19.66 -9.72 5.10
C ASN A 161 -20.33 -10.14 3.81
N THR A 162 -21.36 -9.43 3.40
CA THR A 162 -21.98 -9.68 2.10
C THR A 162 -21.63 -8.58 1.10
N ALA A 163 -20.91 -7.54 1.53
CA ALA A 163 -20.50 -6.46 0.63
C ALA A 163 -19.37 -6.89 -0.32
N GLY A 164 -18.33 -7.52 0.24
CA GLY A 164 -17.29 -8.11 -0.58
C GLY A 164 -16.35 -7.16 -1.31
N ALA A 165 -15.61 -7.75 -2.23
CA ALA A 165 -14.66 -7.01 -3.09
C ALA A 165 -15.31 -5.87 -3.85
N LYS A 166 -16.58 -6.02 -4.24
CA LYS A 166 -17.30 -4.93 -4.92
C LYS A 166 -17.27 -3.62 -4.14
N TYR A 167 -17.21 -3.73 -2.81
CA TYR A 167 -17.16 -2.57 -1.91
C TYR A 167 -15.82 -2.46 -1.17
N GLY A 168 -14.80 -3.13 -1.68
CA GLY A 168 -13.46 -2.95 -1.16
C GLY A 168 -13.21 -3.50 0.24
N THR A 169 -13.86 -4.62 0.57
CA THR A 169 -13.64 -5.26 1.88
C THR A 169 -12.41 -6.16 1.86
N GLY A 170 -11.98 -6.57 3.05
CA GLY A 170 -11.01 -7.63 3.22
C GLY A 170 -9.55 -7.22 3.27
N TYR A 171 -9.26 -5.92 3.37
CA TYR A 171 -7.87 -5.49 3.39
C TYR A 171 -7.09 -6.11 4.53
N CYS A 172 -5.82 -6.33 4.26
CA CYS A 172 -4.83 -6.71 5.26
C CYS A 172 -3.50 -6.22 4.75
N ASP A 173 -2.57 -6.01 5.65
CA ASP A 173 -1.17 -5.77 5.26
C ASP A 173 -0.25 -6.07 6.42
N SER A 174 1.04 -5.82 6.24
N SER A 174 1.04 -5.82 6.26
CA SER A 174 2.03 -6.22 7.23
CA SER A 174 2.01 -6.24 7.26
C SER A 174 2.03 -5.33 8.48
C SER A 174 2.13 -5.27 8.44
N GLN A 175 1.32 -4.21 8.44
CA GLN A 175 1.11 -3.39 9.65
C GLN A 175 0.02 -4.00 10.52
N CYS A 176 -0.67 -5.04 10.06
CA CYS A 176 -1.81 -5.60 10.80
C CYS A 176 -2.75 -4.47 11.20
N PRO A 177 -3.19 -3.67 10.22
CA PRO A 177 -3.85 -2.40 10.53
C PRO A 177 -5.11 -2.52 11.38
N ARG A 178 -5.15 -1.71 12.44
CA ARG A 178 -6.25 -1.65 13.39
C ARG A 178 -7.18 -0.47 13.10
N ASP A 179 -6.86 0.33 12.09
CA ASP A 179 -7.71 1.47 11.71
C ASP A 179 -8.92 1.05 10.88
N LEU A 180 -8.95 -0.21 10.45
CA LEU A 180 -10.05 -0.72 9.64
C LEU A 180 -11.35 -0.77 10.41
N LYS A 181 -12.42 -0.36 9.77
CA LYS A 181 -13.71 -0.31 10.43
C LYS A 181 -14.43 -1.66 10.44
N PHE A 182 -14.17 -2.50 9.44
CA PHE A 182 -14.70 -3.87 9.40
C PHE A 182 -13.56 -4.84 9.12
N ILE A 183 -13.50 -5.89 9.93
CA ILE A 183 -12.54 -6.98 9.76
C ILE A 183 -13.30 -8.28 10.01
N ASN A 184 -13.16 -9.22 9.08
CA ASN A 184 -13.76 -10.56 9.21
C ASN A 184 -15.27 -10.52 9.43
N GLY A 185 -15.93 -9.66 8.68
CA GLY A 185 -17.38 -9.58 8.73
C GLY A 185 -17.95 -9.03 10.03
N GLN A 186 -17.11 -8.40 10.83
CA GLN A 186 -17.56 -7.74 12.05
C GLN A 186 -17.01 -6.33 12.04
N ALA A 187 -17.69 -5.41 12.74
CA ALA A 187 -17.12 -4.08 12.94
C ALA A 187 -15.92 -4.16 13.87
N ASN A 188 -15.26 -3.02 14.02
CA ASN A 188 -14.09 -2.88 14.88
C ASN A 188 -14.35 -1.79 15.92
N VAL A 189 -15.61 -1.60 16.27
CA VAL A 189 -16.02 -0.60 17.28
C VAL A 189 -15.51 -0.96 18.68
N GLU A 190 -15.42 -2.24 19.00
CA GLU A 190 -14.95 -2.63 20.33
C GLU A 190 -13.50 -2.19 20.51
N GLY A 191 -13.24 -1.42 21.57
CA GLY A 191 -11.91 -0.89 21.82
C GLY A 191 -11.53 0.32 20.98
N TRP A 192 -12.47 0.88 20.24
CA TRP A 192 -12.16 1.99 19.33
C TRP A 192 -11.70 3.22 20.10
N GLU A 193 -10.58 3.79 19.67
CA GLU A 193 -10.09 5.07 20.18
C GLU A 193 -9.89 6.02 19.02
N PRO A 194 -10.55 7.19 19.05
CA PRO A 194 -10.36 8.14 17.96
CA PRO A 194 -10.36 8.12 17.94
C PRO A 194 -8.92 8.64 17.89
N SER A 195 -8.45 8.95 16.70
N SER A 195 -8.46 8.99 16.71
CA SER A 195 -7.15 9.58 16.54
CA SER A 195 -7.15 9.59 16.53
C SER A 195 -7.20 10.98 17.15
C SER A 195 -7.15 11.03 17.03
N SER A 196 -6.12 11.39 17.82
CA SER A 196 -6.06 12.73 18.39
C SER A 196 -5.78 13.81 17.33
N ASN A 197 -5.18 13.40 16.20
CA ASN A 197 -4.80 14.36 15.15
CA ASN A 197 -4.75 14.32 15.14
C ASN A 197 -5.48 14.14 13.81
N ASN A 198 -6.42 13.21 13.74
CA ASN A 198 -7.15 12.96 12.49
C ASN A 198 -8.63 12.86 12.78
N ALA A 199 -9.37 13.82 12.27
CA ALA A 199 -10.79 13.91 12.53
C ALA A 199 -11.59 12.74 11.98
N ASN A 200 -11.01 11.97 11.05
CA ASN A 200 -11.74 10.90 10.36
C ASN A 200 -11.35 9.48 10.74
N THR A 201 -10.35 9.30 11.59
CA THR A 201 -9.81 7.96 11.83
C THR A 201 -9.69 7.59 13.30
N GLY A 202 -9.48 6.31 13.53
CA GLY A 202 -9.20 5.81 14.87
C GLY A 202 -8.51 4.47 14.80
N ILE A 203 -8.45 3.81 15.96
CA ILE A 203 -7.79 2.52 16.11
CA ILE A 203 -7.77 2.52 16.15
C ILE A 203 -8.70 1.63 16.95
N GLY A 204 -9.04 0.46 16.41
CA GLY A 204 -9.92 -0.50 17.08
C GLY A 204 -9.16 -1.62 17.76
N GLY A 205 -9.92 -2.49 18.41
CA GLY A 205 -9.36 -3.61 19.16
C GLY A 205 -8.84 -4.76 18.31
N HIS A 206 -9.17 -4.78 17.02
CA HIS A 206 -8.70 -5.82 16.08
CA HIS A 206 -8.67 -5.80 16.12
C HIS A 206 -7.92 -5.20 14.94
N GLY A 207 -7.04 -6.01 14.35
CA GLY A 207 -6.32 -5.66 13.14
C GLY A 207 -6.36 -6.80 12.14
N SER A 208 -5.87 -6.53 10.92
CA SER A 208 -5.94 -7.50 9.82
C SER A 208 -4.57 -7.67 9.16
N CYS A 209 -3.94 -8.81 9.44
CA CYS A 209 -2.56 -9.08 9.05
C CYS A 209 -2.47 -9.88 7.77
N CYS A 210 -1.49 -9.57 6.93
CA CYS A 210 -1.04 -10.51 5.89
C CYS A 210 0.24 -10.02 5.25
N SER A 211 0.86 -10.91 4.48
CA SER A 211 2.10 -10.62 3.77
C SER A 211 1.91 -9.47 2.79
N GLN A 212 2.99 -8.73 2.56
CA GLN A 212 2.91 -7.50 1.76
C GLN A 212 4.19 -7.29 0.95
N MET A 213 4.04 -7.12 -0.36
N MET A 213 4.03 -7.10 -0.35
CA MET A 213 5.16 -6.76 -1.20
CA MET A 213 5.15 -6.76 -1.25
C MET A 213 5.03 -5.29 -1.58
C MET A 213 5.05 -5.28 -1.61
N ASP A 214 5.81 -4.44 -0.92
CA ASP A 214 5.81 -3.01 -1.26
C ASP A 214 6.73 -2.79 -2.45
N ILE A 215 6.14 -2.89 -3.64
N ILE A 215 6.16 -2.88 -3.65
CA ILE A 215 6.87 -2.64 -4.90
CA ILE A 215 6.93 -2.65 -4.86
C ILE A 215 7.42 -1.21 -4.89
C ILE A 215 7.43 -1.20 -4.92
N TRP A 216 6.57 -0.28 -4.49
CA TRP A 216 6.83 1.14 -4.70
C TRP A 216 6.17 1.95 -3.60
N GLU A 217 6.99 2.59 -2.77
CA GLU A 217 6.54 3.63 -1.85
C GLU A 217 7.42 4.82 -2.16
N ALA A 218 6.83 5.93 -2.59
CA ALA A 218 7.64 6.97 -3.19
C ALA A 218 6.96 8.31 -3.28
N ASN A 219 7.80 9.33 -3.37
CA ASN A 219 7.39 10.65 -3.80
C ASN A 219 8.47 11.19 -4.74
N SER A 220 8.49 12.50 -5.00
CA SER A 220 9.50 13.06 -5.90
C SER A 220 10.92 13.09 -5.30
N ILE A 221 11.05 12.78 -4.02
CA ILE A 221 12.33 12.85 -3.31
C ILE A 221 12.95 11.47 -3.05
N SER A 222 12.15 10.50 -2.61
CA SER A 222 12.67 9.18 -2.25
C SER A 222 11.73 8.08 -2.70
N GLU A 223 12.28 6.89 -2.85
CA GLU A 223 11.52 5.70 -3.21
C GLU A 223 12.14 4.48 -2.53
N ALA A 224 11.29 3.50 -2.21
CA ALA A 224 11.72 2.29 -1.53
C ALA A 224 10.97 1.07 -2.04
N LEU A 225 11.67 -0.07 -2.01
CA LEU A 225 11.21 -1.40 -2.43
C LEU A 225 11.35 -2.30 -1.19
N THR A 226 10.25 -2.92 -0.74
CA THR A 226 10.26 -3.58 0.58
C THR A 226 9.35 -4.80 0.68
N PRO A 227 9.92 -6.02 0.71
CA PRO A 227 9.12 -7.18 1.10
C PRO A 227 8.90 -7.28 2.61
N HIS A 228 7.69 -7.67 3.00
CA HIS A 228 7.32 -7.86 4.41
C HIS A 228 6.72 -9.26 4.63
N PRO A 229 7.44 -10.16 5.32
CA PRO A 229 6.89 -11.48 5.64
C PRO A 229 6.01 -11.48 6.89
N CYS A 230 5.12 -12.46 6.97
CA CYS A 230 4.34 -12.73 8.18
C CYS A 230 4.39 -14.22 8.47
N THR A 231 4.21 -14.59 9.74
CA THR A 231 4.29 -16.00 10.14
C THR A 231 3.11 -16.81 9.59
N THR A 232 1.98 -16.15 9.39
CA THR A 232 0.88 -16.68 8.60
C THR A 232 0.85 -15.86 7.32
N VAL A 233 0.88 -16.54 6.18
CA VAL A 233 1.03 -15.85 4.90
C VAL A 233 -0.16 -14.95 4.54
N GLY A 234 -1.37 -15.49 4.69
CA GLY A 234 -2.59 -14.83 4.26
C GLY A 234 -3.30 -14.06 5.35
N GLN A 235 -4.49 -13.59 5.03
CA GLN A 235 -5.23 -12.69 5.89
C GLN A 235 -5.59 -13.37 7.21
N GLU A 236 -5.33 -12.68 8.31
CA GLU A 236 -5.59 -13.20 9.63
C GLU A 236 -5.85 -12.04 10.60
N ILE A 237 -6.92 -12.16 11.38
CA ILE A 237 -7.23 -11.16 12.40
C ILE A 237 -6.20 -11.23 13.54
N CYS A 238 -5.96 -10.09 14.17
CA CYS A 238 -5.09 -10.02 15.35
C CYS A 238 -5.80 -9.22 16.43
N GLU A 239 -5.37 -9.43 17.66
CA GLU A 239 -5.98 -8.84 18.84
C GLU A 239 -5.10 -7.76 19.43
N GLY A 240 -5.61 -6.54 19.44
CA GLY A 240 -4.98 -5.43 20.16
C GLY A 240 -3.52 -5.24 19.84
N ASP A 241 -2.71 -5.05 20.87
CA ASP A 241 -1.28 -4.78 20.69
C ASP A 241 -0.48 -5.95 20.10
N GLY A 242 -1.05 -7.15 20.13
CA GLY A 242 -0.48 -8.29 19.41
C GLY A 242 -0.34 -8.05 17.91
N CYS A 243 -1.14 -7.13 17.39
CA CYS A 243 -1.04 -6.72 16.00
C CYS A 243 0.29 -6.05 15.66
N GLY A 244 0.93 -5.40 16.62
CA GLY A 244 2.06 -4.56 16.30
C GLY A 244 1.70 -3.50 15.29
N GLY A 245 2.65 -3.14 14.43
CA GLY A 245 2.43 -2.17 13.38
C GLY A 245 2.30 -0.74 13.85
N THR A 246 2.08 0.14 12.89
CA THR A 246 1.91 1.57 13.12
C THR A 246 0.86 1.88 14.19
N TYR A 247 -0.19 1.05 14.25
CA TYR A 247 -1.36 1.34 15.08
C TYR A 247 -1.30 0.74 16.49
N SER A 248 -0.15 0.19 16.88
CA SER A 248 0.07 -0.30 18.24
C SER A 248 1.25 0.43 18.88
N ASP A 249 1.26 0.53 20.20
CA ASP A 249 2.36 1.18 20.91
CA ASP A 249 2.35 1.18 20.92
C ASP A 249 3.69 0.47 20.66
N ASN A 250 3.67 -0.86 20.67
CA ASN A 250 4.83 -1.69 20.34
C ASN A 250 4.63 -2.13 18.89
N ARG A 251 5.52 -1.64 18.03
N ARG A 251 5.47 -1.65 17.98
CA ARG A 251 5.48 -1.88 16.60
CA ARG A 251 5.29 -1.97 16.57
C ARG A 251 5.71 -3.34 16.23
C ARG A 251 5.65 -3.40 16.22
N TYR A 252 6.46 -4.06 17.07
CA TYR A 252 6.88 -5.43 16.77
C TYR A 252 5.93 -6.45 17.44
N GLY A 253 4.88 -6.77 16.69
CA GLY A 253 3.82 -7.67 17.12
C GLY A 253 4.12 -9.11 16.85
N GLY A 254 3.08 -9.94 16.91
CA GLY A 254 3.25 -11.38 16.99
C GLY A 254 3.44 -12.08 15.66
N THR A 255 2.95 -11.51 14.56
CA THR A 255 2.95 -12.25 13.34
C THR A 255 3.58 -11.59 12.11
N CYS A 256 3.47 -10.27 11.93
CA CYS A 256 4.00 -9.64 10.72
C CYS A 256 5.23 -8.79 11.00
N ASP A 257 6.06 -8.63 9.98
CA ASP A 257 7.19 -7.72 10.03
C ASP A 257 6.77 -6.37 9.44
N PRO A 258 6.59 -5.35 10.29
CA PRO A 258 6.13 -4.04 9.81
C PRO A 258 7.22 -3.18 9.16
N ASP A 259 8.49 -3.57 9.22
N ASP A 259 8.48 -3.59 9.28
CA ASP A 259 9.54 -2.76 8.61
CA ASP A 259 9.63 -2.86 8.75
C ASP A 259 10.03 -3.31 7.28
C ASP A 259 10.00 -3.32 7.34
N GLY A 260 10.16 -4.63 7.18
CA GLY A 260 10.55 -5.24 5.92
C GLY A 260 12.04 -5.19 5.68
N CYS A 261 12.45 -5.81 4.59
CA CYS A 261 13.82 -5.68 4.11
C CYS A 261 13.78 -4.59 3.04
N ASP A 262 13.97 -3.34 3.46
CA ASP A 262 13.76 -2.21 2.57
C ASP A 262 15.01 -1.86 1.79
N TRP A 263 14.78 -1.44 0.53
CA TRP A 263 15.85 -0.97 -0.33
C TRP A 263 15.46 0.41 -0.84
N ASN A 264 16.11 1.43 -0.30
CA ASN A 264 15.94 2.82 -0.71
C ASN A 264 17.32 3.28 -1.16
N PRO A 265 17.52 3.55 -2.46
CA PRO A 265 18.88 3.84 -2.93
C PRO A 265 19.55 5.02 -2.20
N TYR A 266 18.77 6.02 -1.82
CA TYR A 266 19.31 7.17 -1.07
C TYR A 266 19.81 6.72 0.29
N ARG A 267 19.00 5.94 0.98
CA ARG A 267 19.34 5.41 2.30
C ARG A 267 20.63 4.58 2.26
N LEU A 268 20.83 3.86 1.17
CA LEU A 268 22.03 3.03 0.98
C LEU A 268 23.25 3.81 0.51
N GLY A 269 23.11 5.10 0.25
CA GLY A 269 24.27 5.97 0.01
C GLY A 269 24.26 6.70 -1.32
N ASN A 270 23.42 6.28 -2.26
CA ASN A 270 23.41 6.92 -3.56
C ASN A 270 22.40 8.06 -3.56
N THR A 271 22.89 9.24 -3.23
CA THR A 271 22.03 10.41 -3.08
C THR A 271 21.79 11.15 -4.40
N SER A 272 22.36 10.63 -5.49
N SER A 272 22.34 10.66 -5.50
CA SER A 272 22.27 11.23 -6.81
CA SER A 272 22.13 11.31 -6.80
C SER A 272 21.37 10.45 -7.78
C SER A 272 21.41 10.41 -7.82
N PHE A 273 20.83 9.31 -7.36
CA PHE A 273 20.11 8.42 -8.27
C PHE A 273 18.71 8.90 -8.64
N TYR A 274 17.96 9.40 -7.66
CA TYR A 274 16.52 9.60 -7.82
C TYR A 274 16.15 10.91 -7.18
N GLY A 275 15.66 11.85 -7.98
CA GLY A 275 15.27 13.15 -7.45
C GLY A 275 14.85 14.10 -8.54
N PRO A 276 14.40 15.30 -8.14
CA PRO A 276 13.84 16.23 -9.12
C PRO A 276 14.90 16.94 -9.95
N GLY A 277 14.81 16.80 -11.26
CA GLY A 277 15.64 17.55 -12.17
C GLY A 277 16.79 16.77 -12.75
N SER A 278 17.56 17.45 -13.58
CA SER A 278 18.59 16.80 -14.38
C SER A 278 19.88 16.50 -13.62
N SER A 279 19.97 16.88 -12.35
CA SER A 279 21.13 16.48 -11.54
C SER A 279 21.03 15.03 -11.01
N PHE A 280 19.91 14.35 -11.25
CA PHE A 280 19.70 12.98 -10.76
C PHE A 280 19.69 11.99 -11.93
N THR A 281 20.07 10.75 -11.67
CA THR A 281 20.06 9.71 -12.72
C THR A 281 18.65 9.57 -13.29
N LEU A 282 17.67 9.44 -12.39
CA LEU A 282 16.24 9.43 -12.70
C LEU A 282 15.65 10.76 -12.24
N ASP A 283 15.08 11.49 -13.20
CA ASP A 283 14.54 12.82 -12.99
C ASP A 283 13.06 12.68 -12.63
N THR A 284 12.73 12.93 -11.36
CA THR A 284 11.36 12.70 -10.89
C THR A 284 10.36 13.78 -11.32
N THR A 285 10.80 14.78 -12.06
CA THR A 285 9.85 15.68 -12.70
C THR A 285 9.22 15.04 -13.94
N LYS A 286 9.75 13.89 -14.38
CA LYS A 286 9.27 13.21 -15.59
CA LYS A 286 9.29 13.21 -15.60
C LYS A 286 8.84 11.79 -15.28
N LYS A 287 7.93 11.26 -16.10
CA LYS A 287 7.47 9.88 -15.96
C LYS A 287 8.65 8.91 -16.03
N LEU A 288 8.56 7.82 -15.27
CA LEU A 288 9.57 6.77 -15.34
C LEU A 288 8.89 5.40 -15.28
N THR A 289 9.62 4.40 -15.77
CA THR A 289 9.18 3.00 -15.76
C THR A 289 9.96 2.23 -14.70
N VAL A 290 9.25 1.41 -13.94
CA VAL A 290 9.80 0.65 -12.81
C VAL A 290 9.46 -0.82 -13.03
N VAL A 291 10.50 -1.67 -13.11
CA VAL A 291 10.31 -3.09 -13.36
C VAL A 291 10.88 -3.89 -12.19
N THR A 292 10.09 -4.85 -11.71
CA THR A 292 10.45 -5.62 -10.52
C THR A 292 10.25 -7.09 -10.83
N GLN A 293 11.32 -7.87 -10.62
CA GLN A 293 11.40 -9.28 -11.06
C GLN A 293 11.59 -10.18 -9.87
N PHE A 294 10.82 -11.25 -9.81
CA PHE A 294 10.81 -12.18 -8.66
C PHE A 294 11.38 -13.53 -9.07
N GLU A 295 12.70 -13.66 -9.04
CA GLU A 295 13.31 -14.90 -9.49
C GLU A 295 12.97 -16.04 -8.53
N THR A 296 13.00 -17.27 -9.02
CA THR A 296 12.52 -18.38 -8.19
C THR A 296 13.38 -18.66 -6.98
N SER A 297 14.61 -18.15 -6.91
CA SER A 297 15.40 -18.27 -5.69
C SER A 297 14.76 -17.55 -4.50
N GLY A 298 13.86 -16.60 -4.75
CA GLY A 298 13.29 -15.76 -3.70
C GLY A 298 13.88 -14.36 -3.64
N ALA A 299 14.94 -14.11 -4.41
CA ALA A 299 15.52 -12.78 -4.51
C ALA A 299 14.69 -11.89 -5.43
N ILE A 300 14.90 -10.58 -5.30
CA ILE A 300 14.15 -9.60 -6.08
C ILE A 300 15.11 -8.71 -6.84
N ASN A 301 14.88 -8.57 -8.15
CA ASN A 301 15.69 -7.70 -8.99
C ASN A 301 14.84 -6.54 -9.49
N ARG A 302 15.51 -5.46 -9.87
CA ARG A 302 14.85 -4.21 -10.18
C ARG A 302 15.65 -3.46 -11.23
N TYR A 303 14.95 -2.93 -12.22
CA TYR A 303 15.53 -1.95 -13.13
C TYR A 303 14.51 -0.88 -13.46
N TYR A 304 15.01 0.22 -14.01
CA TYR A 304 14.21 1.40 -14.31
C TYR A 304 14.48 1.82 -15.73
N VAL A 305 13.51 2.46 -16.37
CA VAL A 305 13.74 3.04 -17.70
C VAL A 305 13.18 4.45 -17.71
N GLN A 306 13.96 5.39 -18.24
CA GLN A 306 13.46 6.75 -18.44
C GLN A 306 14.08 7.32 -19.70
N ASN A 307 13.22 7.86 -20.56
CA ASN A 307 13.61 8.41 -21.84
C ASN A 307 14.48 7.44 -22.65
N GLY A 308 14.12 6.16 -22.61
CA GLY A 308 14.79 5.12 -23.38
C GLY A 308 16.12 4.64 -22.82
N VAL A 309 16.50 5.09 -21.63
CA VAL A 309 17.76 4.69 -20.99
C VAL A 309 17.40 3.81 -19.79
N THR A 310 18.13 2.70 -19.67
CA THR A 310 17.87 1.69 -18.66
C THR A 310 18.93 1.72 -17.58
N PHE A 311 18.47 1.57 -16.33
CA PHE A 311 19.34 1.55 -15.16
C PHE A 311 18.91 0.40 -14.25
N GLN A 312 19.81 -0.53 -13.97
CA GLN A 312 19.57 -1.49 -12.90
C GLN A 312 19.46 -0.71 -11.58
N GLN A 313 18.78 -1.29 -10.60
CA GLN A 313 18.91 -0.84 -9.22
C GLN A 313 20.39 -0.53 -8.95
N PRO A 314 20.70 0.66 -8.40
CA PRO A 314 22.11 0.96 -8.19
C PRO A 314 22.79 0.01 -7.23
N ASN A 315 24.07 -0.25 -7.46
CA ASN A 315 24.84 -1.09 -6.54
CA ASN A 315 24.84 -1.06 -6.56
C ASN A 315 24.93 -0.45 -5.16
N ALA A 316 24.92 -1.31 -4.15
CA ALA A 316 25.10 -0.91 -2.77
C ALA A 316 26.14 -1.83 -2.14
N GLU A 317 26.91 -1.26 -1.22
CA GLU A 317 27.86 -2.01 -0.40
C GLU A 317 27.47 -1.76 1.04
N LEU A 318 27.23 -2.83 1.77
CA LEU A 318 26.71 -2.73 3.13
C LEU A 318 27.28 -3.92 3.88
N GLY A 319 28.14 -3.68 4.87
CA GLY A 319 28.84 -4.78 5.51
C GLY A 319 29.57 -5.62 4.46
N SER A 320 29.35 -6.93 4.48
CA SER A 320 29.96 -7.81 3.50
C SER A 320 29.15 -8.00 2.21
N TYR A 321 27.98 -7.36 2.15
CA TYR A 321 27.14 -7.41 0.95
C TYR A 321 27.63 -6.41 -0.08
N SER A 322 27.62 -6.83 -1.33
CA SER A 322 27.86 -5.94 -2.46
C SER A 322 27.04 -6.41 -3.64
N GLY A 323 26.24 -5.52 -4.20
CA GLY A 323 25.43 -5.87 -5.37
C GLY A 323 24.20 -5.01 -5.51
N ASN A 324 23.32 -5.44 -6.39
CA ASN A 324 22.04 -4.75 -6.57
C ASN A 324 20.81 -5.65 -6.53
N GLU A 325 21.00 -6.93 -6.18
CA GLU A 325 19.90 -7.86 -5.99
C GLU A 325 19.48 -7.88 -4.52
N LEU A 326 18.18 -7.80 -4.29
CA LEU A 326 17.63 -7.88 -2.93
C LEU A 326 17.51 -9.37 -2.60
N ASN A 327 18.49 -9.86 -1.84
CA ASN A 327 18.60 -11.28 -1.53
C ASN A 327 18.88 -11.46 -0.05
N ASP A 328 19.01 -12.71 0.42
CA ASP A 328 19.25 -12.98 1.84
C ASP A 328 20.45 -12.22 2.35
N ASP A 329 21.51 -12.18 1.57
CA ASP A 329 22.74 -11.53 1.98
C ASP A 329 22.52 -10.02 2.20
N TYR A 330 21.77 -9.37 1.30
CA TYR A 330 21.43 -7.98 1.52
C TYR A 330 20.65 -7.79 2.84
N CYS A 331 19.61 -8.59 3.01
CA CYS A 331 18.72 -8.36 4.14
C CYS A 331 19.43 -8.60 5.47
N THR A 332 20.29 -9.60 5.55
N THR A 332 20.26 -9.63 5.51
CA THR A 332 21.03 -9.82 6.80
CA THR A 332 21.10 -9.94 6.67
C THR A 332 22.14 -8.78 7.00
C THR A 332 22.07 -8.80 6.96
N ALA A 333 22.74 -8.31 5.91
CA ALA A 333 23.71 -7.21 6.03
C ALA A 333 23.01 -5.92 6.51
N GLU A 334 21.80 -5.68 6.02
CA GLU A 334 21.05 -4.51 6.42
C GLU A 334 20.75 -4.53 7.93
N GLU A 335 20.28 -5.66 8.43
N GLU A 335 20.26 -5.66 8.42
CA GLU A 335 20.02 -5.81 9.86
CA GLU A 335 20.02 -5.82 9.86
C GLU A 335 21.28 -5.66 10.71
C GLU A 335 21.29 -5.58 10.66
N ALA A 336 22.40 -6.17 10.21
CA ALA A 336 23.68 -6.00 10.92
C ALA A 336 24.16 -4.55 10.95
N GLU A 337 23.98 -3.83 9.85
N GLU A 337 24.01 -3.83 9.84
CA GLU A 337 24.53 -2.48 9.70
CA GLU A 337 24.54 -2.47 9.73
C GLU A 337 23.61 -1.37 10.19
C GLU A 337 23.59 -1.41 10.29
N PHE A 338 22.30 -1.52 9.95
CA PHE A 338 21.32 -0.52 10.39
C PHE A 338 20.66 -0.88 11.72
N GLY A 339 20.57 -2.17 12.03
CA GLY A 339 19.99 -2.62 13.28
C GLY A 339 18.63 -3.27 13.10
N GLY A 340 18.17 -3.95 14.14
CA GLY A 340 16.87 -4.59 14.14
C GLY A 340 16.91 -6.03 13.67
N SER A 341 15.82 -6.73 13.94
CA SER A 341 15.73 -8.16 13.63
C SER A 341 14.34 -8.58 13.15
N SER A 342 13.45 -7.62 12.88
CA SER A 342 12.07 -7.96 12.58
C SER A 342 11.90 -8.83 11.33
N PHE A 343 12.58 -8.45 10.25
CA PHE A 343 12.53 -9.20 8.99
C PHE A 343 12.98 -10.64 9.18
N SER A 344 14.15 -10.83 9.77
N SER A 344 14.14 -10.84 9.78
CA SER A 344 14.66 -12.19 10.00
CA SER A 344 14.64 -12.20 9.99
C SER A 344 13.82 -12.94 11.03
C SER A 344 13.81 -12.94 11.03
N ASP A 345 13.35 -12.23 12.06
CA ASP A 345 12.48 -12.85 13.09
C ASP A 345 11.21 -13.45 12.50
N LYS A 346 10.66 -12.79 11.48
CA LYS A 346 9.45 -13.28 10.81
C LYS A 346 9.73 -14.22 9.66
N GLY A 347 10.99 -14.61 9.46
CA GLY A 347 11.34 -15.66 8.52
C GLY A 347 11.97 -15.20 7.21
N GLY A 348 12.21 -13.90 7.06
CA GLY A 348 12.96 -13.37 5.92
C GLY A 348 12.39 -13.68 4.55
N LEU A 349 13.27 -13.71 3.56
CA LEU A 349 12.83 -13.95 2.19
C LEU A 349 12.28 -15.36 1.99
N THR A 350 12.73 -16.32 2.79
CA THR A 350 12.18 -17.67 2.74
C THR A 350 10.69 -17.66 3.08
N GLN A 351 10.33 -16.98 4.17
CA GLN A 351 8.92 -16.87 4.52
C GLN A 351 8.17 -16.03 3.49
N PHE A 352 8.82 -14.98 3.00
CA PHE A 352 8.18 -14.12 2.01
C PHE A 352 7.85 -14.84 0.71
N LYS A 353 8.70 -15.78 0.31
CA LYS A 353 8.48 -16.55 -0.91
CA LYS A 353 8.46 -16.54 -0.92
C LYS A 353 7.19 -17.37 -0.84
N LYS A 354 6.75 -17.69 0.38
CA LYS A 354 5.50 -18.42 0.55
C LYS A 354 4.30 -17.57 0.14
N ALA A 355 4.43 -16.24 0.22
CA ALA A 355 3.40 -15.31 -0.26
C ALA A 355 3.47 -15.11 -1.77
N THR A 356 4.65 -14.89 -2.31
CA THR A 356 4.78 -14.65 -3.75
C THR A 356 4.49 -15.90 -4.58
N SER A 357 4.60 -17.07 -3.95
N SER A 357 4.57 -17.09 -3.99
CA SER A 357 4.26 -18.35 -4.59
CA SER A 357 4.24 -18.30 -4.74
C SER A 357 2.77 -18.46 -4.86
C SER A 357 2.73 -18.54 -4.81
N GLY A 358 1.96 -17.75 -4.08
CA GLY A 358 0.50 -17.78 -4.18
C GLY A 358 -0.03 -16.50 -4.77
N GLY A 359 -1.34 -16.30 -4.73
CA GLY A 359 -1.94 -15.09 -5.29
C GLY A 359 -1.85 -13.92 -4.34
N MET A 360 -1.65 -12.74 -4.91
CA MET A 360 -1.73 -11.48 -4.16
C MET A 360 -2.51 -10.45 -4.97
N VAL A 361 -3.12 -9.52 -4.26
CA VAL A 361 -3.93 -8.46 -4.85
C VAL A 361 -3.10 -7.17 -5.00
N LEU A 362 -3.29 -6.50 -6.13
CA LEU A 362 -2.63 -5.23 -6.44
C LEU A 362 -3.37 -4.06 -5.81
N VAL A 363 -2.62 -3.24 -5.09
CA VAL A 363 -3.11 -2.07 -4.38
C VAL A 363 -2.37 -0.85 -4.92
N MET A 364 -3.11 0.23 -5.15
CA MET A 364 -2.52 1.53 -5.47
C MET A 364 -3.14 2.56 -4.55
N SER A 365 -2.31 3.41 -3.94
CA SER A 365 -2.79 4.35 -2.94
C SER A 365 -2.03 5.65 -2.94
N LEU A 366 -2.61 6.65 -2.29
CA LEU A 366 -1.94 7.91 -2.03
C LEU A 366 -2.28 8.28 -0.60
N TRP A 367 -1.26 8.53 0.21
CA TRP A 367 -1.49 8.85 1.61
C TRP A 367 -0.45 9.82 2.17
N ASP A 368 -0.86 10.51 3.23
CA ASP A 368 0.08 11.20 4.13
C ASP A 368 0.06 10.47 5.47
N ASP A 369 1.03 10.77 6.32
CA ASP A 369 1.38 9.91 7.44
C ASP A 369 1.10 10.62 8.75
N TYR A 370 -0.01 10.25 9.37
CA TYR A 370 -0.45 10.85 10.63
C TYR A 370 0.25 10.28 11.86
N TYR A 371 1.22 9.39 11.66
CA TYR A 371 1.97 8.82 12.75
C TYR A 371 3.43 9.28 12.78
N ALA A 372 4.08 9.36 11.62
CA ALA A 372 5.49 9.74 11.55
C ALA A 372 5.87 10.65 10.39
N ASN A 373 4.88 11.31 9.77
CA ASN A 373 5.11 12.37 8.78
C ASN A 373 5.95 11.96 7.57
N MET A 374 5.99 10.65 7.29
CA MET A 374 6.69 10.09 6.14
C MET A 374 8.20 10.25 6.23
N LEU A 375 8.70 10.56 7.43
CA LEU A 375 10.13 10.85 7.59
C LEU A 375 10.99 9.62 7.34
N TRP A 376 10.44 8.45 7.64
CA TRP A 376 11.08 7.18 7.38
C TRP A 376 11.41 6.96 5.90
N LEU A 377 10.63 7.59 5.01
CA LEU A 377 10.83 7.47 3.58
C LEU A 377 11.80 8.53 3.05
N ASP A 378 11.63 9.78 3.47
CA ASP A 378 12.22 10.89 2.72
C ASP A 378 13.06 11.85 3.54
N SER A 379 13.32 11.55 4.81
CA SER A 379 14.04 12.47 5.68
C SER A 379 15.05 11.70 6.52
N THR A 380 15.46 12.31 7.65
CA THR A 380 16.31 11.65 8.62
C THR A 380 15.43 11.12 9.73
N TYR A 381 15.58 9.85 10.07
CA TYR A 381 14.69 9.20 11.01
C TYR A 381 15.43 8.10 11.78
N PRO A 382 15.35 8.07 13.11
CA PRO A 382 14.74 9.13 13.95
C PRO A 382 15.38 10.49 13.75
N THR A 383 14.64 11.54 14.07
CA THR A 383 15.04 12.89 13.67
C THR A 383 16.19 13.48 14.47
N ASN A 384 16.54 12.86 15.60
CA ASN A 384 17.70 13.29 16.37
C ASN A 384 19.01 12.62 15.93
N GLU A 385 18.95 11.75 14.93
CA GLU A 385 20.15 11.13 14.39
C GLU A 385 20.77 12.03 13.35
N THR A 386 21.99 11.68 12.93
CA THR A 386 22.70 12.41 11.90
C THR A 386 23.19 11.44 10.84
N SER A 387 23.76 12.01 9.78
CA SER A 387 24.39 11.24 8.72
C SER A 387 25.43 10.21 9.20
N SER A 388 25.99 10.40 10.39
CA SER A 388 26.98 9.45 10.94
C SER A 388 26.34 8.17 11.49
N THR A 389 25.02 8.16 11.65
CA THR A 389 24.30 6.96 12.06
C THR A 389 23.91 6.18 10.80
N PRO A 390 24.42 4.94 10.66
CA PRO A 390 24.13 4.16 9.46
C PRO A 390 22.64 4.03 9.18
N GLY A 391 22.20 4.39 7.98
CA GLY A 391 20.81 4.25 7.56
C GLY A 391 19.84 5.31 8.07
N ALA A 392 20.30 6.27 8.88
CA ALA A 392 19.39 7.30 9.41
C ALA A 392 18.80 8.19 8.35
N VAL A 393 19.62 8.57 7.36
CA VAL A 393 19.19 9.52 6.35
C VAL A 393 18.62 8.77 5.14
N ARG A 394 17.32 9.00 4.88
CA ARG A 394 16.59 8.27 3.83
C ARG A 394 16.22 9.17 2.65
N GLY A 395 16.34 10.49 2.84
CA GLY A 395 16.08 11.46 1.79
C GLY A 395 16.47 12.84 2.26
N SER A 396 16.28 13.82 1.39
CA SER A 396 16.74 15.19 1.65
C SER A 396 15.69 16.10 2.27
N CYS A 397 14.49 15.58 2.55
CA CYS A 397 13.45 16.41 3.16
C CYS A 397 13.83 16.79 4.59
N SER A 398 13.44 18.01 4.98
CA SER A 398 13.60 18.44 6.36
C SER A 398 12.91 17.49 7.33
N THR A 399 13.48 17.33 8.52
CA THR A 399 12.81 16.57 9.58
C THR A 399 11.53 17.25 10.08
N SER A 400 11.29 18.51 9.67
CA SER A 400 10.06 19.22 9.97
C SER A 400 8.95 18.98 8.94
N SER A 401 9.26 18.23 7.88
CA SER A 401 8.34 18.08 6.75
C SER A 401 7.22 17.07 7.03
N GLY A 402 6.19 17.12 6.21
CA GLY A 402 5.18 16.09 6.18
C GLY A 402 4.12 16.16 7.25
N VAL A 403 3.98 17.28 7.96
CA VAL A 403 2.87 17.42 8.91
C VAL A 403 1.58 17.33 8.09
N PRO A 404 0.69 16.36 8.38
CA PRO A 404 -0.47 16.17 7.51
C PRO A 404 -1.31 17.41 7.27
N ALA A 405 -1.67 18.14 8.33
CA ALA A 405 -2.52 19.31 8.14
C ALA A 405 -1.81 20.35 7.27
N GLN A 406 -0.49 20.46 7.40
CA GLN A 406 0.26 21.45 6.65
C GLN A 406 0.35 21.07 5.17
N VAL A 407 0.71 19.83 4.87
CA VAL A 407 0.82 19.44 3.45
CA VAL A 407 0.83 19.43 3.47
C VAL A 407 -0.57 19.38 2.81
N GLU A 408 -1.60 19.02 3.56
CA GLU A 408 -2.96 19.07 3.02
C GLU A 408 -3.39 20.50 2.66
N SER A 409 -2.99 21.46 3.48
N SER A 409 -3.00 21.47 3.46
CA SER A 409 -3.28 22.86 3.27
CA SER A 409 -3.35 22.86 3.20
C SER A 409 -2.46 23.45 2.11
C SER A 409 -2.46 23.49 2.13
N GLN A 410 -1.18 23.12 2.08
CA GLN A 410 -0.24 23.72 1.13
C GLN A 410 -0.21 23.06 -0.25
N SER A 411 -0.45 21.75 -0.28
CA SER A 411 -0.33 20.96 -1.50
C SER A 411 -1.57 20.12 -1.79
N PRO A 412 -2.77 20.71 -1.71
CA PRO A 412 -3.96 19.87 -1.88
C PRO A 412 -4.09 19.25 -3.26
N ASN A 413 -3.50 19.89 -4.27
CA ASN A 413 -3.58 19.40 -5.64
C ASN A 413 -2.44 18.47 -6.03
N ALA A 414 -1.64 18.04 -5.05
CA ALA A 414 -0.72 16.92 -5.25
C ALA A 414 -1.49 15.73 -5.80
N LYS A 415 -0.80 14.88 -6.53
CA LYS A 415 -1.42 13.69 -7.12
C LYS A 415 -0.35 12.72 -7.56
N VAL A 416 -0.76 11.47 -7.75
CA VAL A 416 0.08 10.44 -8.36
C VAL A 416 -0.67 9.86 -9.55
N THR A 417 0.07 9.51 -10.60
CA THR A 417 -0.49 8.80 -11.74
C THR A 417 0.32 7.53 -12.01
N PHE A 418 -0.35 6.38 -11.89
CA PHE A 418 0.22 5.07 -12.24
C PHE A 418 -0.35 4.70 -13.60
N SER A 419 0.47 4.16 -14.49
CA SER A 419 -0.04 3.78 -15.80
C SER A 419 0.73 2.62 -16.40
N ASN A 420 0.16 2.07 -17.46
CA ASN A 420 0.83 1.08 -18.26
C ASN A 420 1.37 -0.11 -17.46
N ILE A 421 0.50 -0.69 -16.66
CA ILE A 421 0.83 -1.90 -15.92
C ILE A 421 1.00 -3.05 -16.90
N LYS A 422 2.11 -3.78 -16.74
CA LYS A 422 2.39 -4.95 -17.57
C LYS A 422 2.93 -6.02 -16.65
N PHE A 423 2.45 -7.26 -16.83
CA PHE A 423 2.78 -8.36 -15.96
C PHE A 423 2.98 -9.62 -16.79
N GLY A 424 4.02 -10.38 -16.48
CA GLY A 424 4.24 -11.65 -17.16
C GLY A 424 5.54 -12.27 -16.71
N PRO A 425 5.98 -13.32 -17.41
CA PRO A 425 7.24 -13.96 -17.07
C PRO A 425 8.40 -12.97 -17.08
N ILE A 426 9.40 -13.25 -16.26
CA ILE A 426 10.62 -12.46 -16.28
C ILE A 426 11.11 -12.33 -17.73
N GLY A 427 11.52 -11.12 -18.09
CA GLY A 427 12.00 -10.80 -19.43
C GLY A 427 10.95 -10.44 -20.45
N SER A 428 9.67 -10.49 -20.10
CA SER A 428 8.60 -10.33 -21.08
C SER A 428 7.94 -8.96 -21.13
N THR A 429 8.04 -8.14 -20.09
CA THR A 429 7.16 -6.96 -20.02
C THR A 429 7.64 -5.75 -20.79
N GLY A 430 8.84 -5.80 -21.36
CA GLY A 430 9.34 -4.74 -22.23
C GLY A 430 8.97 -4.94 -23.68
N ASN A 431 8.25 -6.02 -23.98
CA ASN A 431 7.83 -6.32 -25.34
C ASN A 431 6.60 -5.55 -25.75
N PRO A 432 6.29 -5.54 -27.06
CA PRO A 432 5.19 -4.70 -27.53
C PRO A 432 3.84 -5.01 -26.88
N SER A 433 3.18 -3.96 -26.41
CA SER A 433 1.83 -4.09 -25.88
C SER A 433 0.82 -4.51 -26.96
N GLY A 434 -0.21 -5.24 -26.56
CA GLY A 434 -1.29 -5.64 -27.47
C GLY A 434 -2.53 -4.80 -27.30
#